data_6NEE
#
_entry.id   6NEE
#
_cell.length_a   43.020
_cell.length_b   48.772
_cell.length_c   71.205
_cell.angle_alpha   91.28
_cell.angle_beta   100.14
_cell.angle_gamma   118.65
#
_symmetry.space_group_name_H-M   'P 1'
#
loop_
_entity.id
_entity.type
_entity.pdbx_description
1 polymer 'TRIOSEPHOSPHATE ISOMERASE'
2 non-polymer 'PHOSPHOGLYCOLOHYDROXAMIC ACID'
3 water water
#
_entity_poly.entity_id   1
_entity_poly.type   'polypeptide(L)'
_entity_poly.pdbx_seq_one_letter_code
;MASRKFFVGGNWKMNGTLESIKALVETLNSAQLDPNTEVVVAPPAIYLPFARSKLKKPKEIQVAAQNCYTKPNGAFTGEI
SAEMLKDLGVPWVILGHSERRTIFGESDELIAEKVKYALDQGLKVIACIGETLEEREAGKTMEVVARQILKAIADKIKDW
SNVVIAYEPVWAIGTGKVATPEQAQEVHAALRKWLKENVSPEVAESTRIIYGGSVNAANCKELAKQPDIDGFLVGGASLK
APEFVDIINARQ
;
_entity_poly.pdbx_strand_id   A,B
#
loop_
_chem_comp.id
_chem_comp.type
_chem_comp.name
_chem_comp.formula
PGH non-polymer 'PHOSPHOGLYCOLOHYDROXAMIC ACID' 'C2 H6 N O6 P'
#
# COMPACT_ATOMS: atom_id res chain seq x y z
N SER A 3 -32.80 -14.14 -4.58
CA SER A 3 -32.68 -13.71 -3.18
C SER A 3 -31.24 -13.32 -2.84
N ARG A 4 -30.49 -12.92 -3.88
CA ARG A 4 -29.21 -12.26 -3.68
C ARG A 4 -29.41 -10.87 -3.09
N LYS A 5 -28.81 -10.61 -1.93
CA LYS A 5 -28.91 -9.28 -1.34
C LYS A 5 -28.19 -8.23 -2.20
N PHE A 6 -28.92 -7.17 -2.53
CA PHE A 6 -28.37 -6.02 -3.24
C PHE A 6 -27.15 -5.47 -2.52
N PHE A 7 -26.09 -5.17 -3.27
CA PHE A 7 -24.77 -4.87 -2.71
C PHE A 7 -24.23 -3.59 -3.34
N VAL A 8 -23.85 -2.62 -2.52
CA VAL A 8 -23.26 -1.40 -3.05
C VAL A 8 -21.97 -1.12 -2.32
N GLY A 9 -20.88 -1.06 -3.08
CA GLY A 9 -19.58 -0.78 -2.52
C GLY A 9 -19.06 0.59 -2.95
N GLY A 10 -18.35 1.26 -2.04
CA GLY A 10 -17.74 2.53 -2.37
C GLY A 10 -16.24 2.43 -2.38
N ASN A 11 -15.60 2.59 -3.55
CA ASN A 11 -14.14 2.51 -3.65
C ASN A 11 -13.61 3.93 -3.64
N TRP A 12 -13.05 4.37 -2.50
CA TRP A 12 -12.60 5.76 -2.40
C TRP A 12 -11.28 5.99 -3.13
N LYS A 13 -10.58 4.92 -3.50
CA LYS A 13 -9.31 4.97 -4.23
C LYS A 13 -8.31 5.80 -3.40
N MET A 14 -7.43 6.57 -4.04
CA MET A 14 -6.42 7.31 -3.30
C MET A 14 -6.92 8.74 -3.07
N ASN A 15 -7.95 8.85 -2.22
CA ASN A 15 -8.61 10.11 -1.93
C ASN A 15 -9.05 10.16 -0.48
N GLY A 16 -9.01 11.36 0.10
CA GLY A 16 -9.56 11.58 1.43
C GLY A 16 -8.58 12.31 2.34
N THR A 17 -9.13 13.09 3.27
CA THR A 17 -8.43 13.65 4.42
C THR A 17 -9.26 13.34 5.66
N LEU A 18 -8.65 13.51 6.84
CA LEU A 18 -9.42 13.33 8.07
C LEU A 18 -10.71 14.14 8.03
N GLU A 19 -10.65 15.36 7.50
CA GLU A 19 -11.83 16.23 7.49
C GLU A 19 -12.85 15.77 6.46
N SER A 20 -12.41 15.47 5.23
CA SER A 20 -13.37 15.03 4.22
C SER A 20 -13.96 13.68 4.58
N ILE A 21 -13.17 12.78 5.16
CA ILE A 21 -13.71 11.46 5.51
C ILE A 21 -14.71 11.57 6.66
N LYS A 22 -14.41 12.39 7.66
CA LYS A 22 -15.36 12.62 8.75
C LYS A 22 -16.69 13.11 8.19
N ALA A 23 -16.65 14.12 7.32
CA ALA A 23 -17.86 14.67 6.71
C ALA A 23 -18.61 13.60 5.90
N LEU A 24 -17.88 12.79 5.13
CA LEU A 24 -18.52 11.75 4.34
C LEU A 24 -19.22 10.75 5.25
N VAL A 25 -18.49 10.20 6.22
CA VAL A 25 -19.06 9.20 7.11
C VAL A 25 -20.25 9.77 7.89
N GLU A 26 -20.19 11.05 8.25
CA GLU A 26 -21.28 11.62 9.03
C GLU A 26 -22.56 11.69 8.21
N THR A 27 -22.45 12.06 6.93
CA THR A 27 -23.62 12.04 6.07
C THR A 27 -24.17 10.62 5.92
N LEU A 28 -23.28 9.64 5.75
CA LEU A 28 -23.71 8.25 5.72
C LEU A 28 -24.45 7.87 7.01
N ASN A 29 -23.89 8.28 8.17
CA ASN A 29 -24.51 8.02 9.46
C ASN A 29 -25.93 8.56 9.55
N SER A 30 -26.16 9.78 9.03
CA SER A 30 -27.43 10.45 9.21
C SER A 30 -28.46 10.11 8.12
N ALA A 31 -28.05 9.42 7.05
CA ALA A 31 -28.94 9.20 5.93
C ALA A 31 -29.93 8.08 6.20
N GLN A 32 -31.07 8.14 5.48
CA GLN A 32 -31.97 7.00 5.39
C GLN A 32 -31.43 6.04 4.32
N LEU A 33 -31.02 4.85 4.74
CA LEU A 33 -30.46 3.85 3.83
C LEU A 33 -31.40 2.67 3.75
N ASP A 34 -31.71 2.25 2.52
CA ASP A 34 -32.42 1.02 2.26
C ASP A 34 -31.86 -0.13 3.08
N PRO A 35 -32.61 -0.69 4.04
CA PRO A 35 -32.06 -1.77 4.87
C PRO A 35 -31.77 -3.04 4.09
N ASN A 36 -32.32 -3.20 2.89
CA ASN A 36 -32.04 -4.35 2.05
C ASN A 36 -30.76 -4.22 1.23
N THR A 37 -29.98 -3.15 1.43
CA THR A 37 -28.71 -2.99 0.73
C THR A 37 -27.57 -3.29 1.69
N GLU A 38 -26.70 -4.21 1.27
CA GLU A 38 -25.42 -4.44 1.95
C GLU A 38 -24.44 -3.37 1.50
N VAL A 39 -23.88 -2.62 2.44
CA VAL A 39 -23.08 -1.43 2.13
C VAL A 39 -21.66 -1.62 2.63
N VAL A 40 -20.69 -1.41 1.73
CA VAL A 40 -19.27 -1.50 2.05
C VAL A 40 -18.55 -0.28 1.49
N VAL A 41 -17.69 0.34 2.29
CA VAL A 41 -16.85 1.45 1.83
C VAL A 41 -15.38 1.08 2.06
N ALA A 42 -14.51 1.49 1.11
CA ALA A 42 -13.10 1.07 1.10
C ALA A 42 -12.20 2.29 1.18
N PRO A 43 -11.82 2.72 2.38
CA PRO A 43 -10.87 3.87 2.52
C PRO A 43 -9.46 3.47 2.15
N PRO A 44 -8.57 4.43 1.87
CA PRO A 44 -7.13 4.13 1.91
C PRO A 44 -6.75 3.47 3.22
N ALA A 45 -5.80 2.52 3.16
CA ALA A 45 -5.48 1.70 4.34
C ALA A 45 -5.15 2.55 5.56
N ILE A 46 -4.37 3.63 5.36
CA ILE A 46 -3.95 4.47 6.47
C ILE A 46 -5.12 5.18 7.13
N TYR A 47 -6.27 5.22 6.46
CA TYR A 47 -7.47 5.84 7.01
C TYR A 47 -8.53 4.83 7.44
N LEU A 48 -8.27 3.53 7.27
CA LEU A 48 -9.28 2.51 7.60
CA LEU A 48 -9.26 2.51 7.61
C LEU A 48 -9.69 2.56 9.07
N PRO A 49 -8.78 2.60 10.06
CA PRO A 49 -9.24 2.65 11.45
C PRO A 49 -10.03 3.91 11.79
N PHE A 50 -9.60 5.08 11.32
CA PHE A 50 -10.34 6.32 11.56
C PHE A 50 -11.75 6.23 10.98
N ALA A 51 -11.87 5.87 9.69
CA ALA A 51 -13.19 5.86 9.06
C ALA A 51 -14.15 4.93 9.80
N ARG A 52 -13.68 3.73 10.16
CA ARG A 52 -14.53 2.79 10.87
C ARG A 52 -14.93 3.36 12.23
N SER A 53 -14.01 4.03 12.90
CA SER A 53 -14.29 4.60 14.22
C SER A 53 -15.39 5.66 14.15
N LYS A 54 -15.57 6.33 13.02
CA LYS A 54 -16.60 7.36 12.88
C LYS A 54 -17.98 6.79 12.55
N LEU A 55 -18.08 5.54 12.11
CA LEU A 55 -19.37 4.97 11.75
C LEU A 55 -20.25 4.82 13.00
N LYS A 56 -21.42 5.46 12.98
CA LYS A 56 -22.35 5.40 14.10
C LYS A 56 -22.98 4.03 14.24
N LYS A 57 -23.05 3.28 13.15
CA LYS A 57 -23.74 1.99 13.12
C LYS A 57 -22.83 0.97 12.43
N PRO A 58 -21.72 0.58 13.10
CA PRO A 58 -20.72 -0.27 12.44
C PRO A 58 -21.28 -1.62 12.01
N LYS A 59 -22.42 -2.05 12.55
CA LYS A 59 -23.05 -3.29 12.09
C LYS A 59 -23.77 -3.12 10.76
N GLU A 60 -24.00 -1.88 10.31
CA GLU A 60 -24.83 -1.62 9.13
C GLU A 60 -24.05 -1.17 7.90
N ILE A 61 -22.85 -0.63 8.07
CA ILE A 61 -21.96 -0.27 6.97
C ILE A 61 -20.62 -0.90 7.32
N GLN A 62 -20.07 -1.69 6.40
CA GLN A 62 -18.81 -2.36 6.68
C GLN A 62 -17.67 -1.69 5.91
N VAL A 63 -16.46 -1.97 6.34
CA VAL A 63 -15.29 -1.39 5.69
C VAL A 63 -14.48 -2.48 4.98
N ALA A 64 -13.74 -2.02 3.99
CA ALA A 64 -12.97 -2.86 3.09
C ALA A 64 -11.60 -2.22 2.90
N ALA A 65 -10.56 -3.03 2.82
CA ALA A 65 -9.29 -2.62 2.25
C ALA A 65 -9.36 -2.63 0.72
N GLN A 66 -8.55 -1.77 0.09
CA GLN A 66 -8.53 -1.66 -1.37
C GLN A 66 -7.59 -2.68 -2.05
N ASN A 67 -6.88 -3.50 -1.29
CA ASN A 67 -5.85 -4.41 -1.80
C ASN A 67 -5.18 -5.06 -0.61
N CYS A 68 -4.54 -6.21 -0.85
CA CYS A 68 -3.63 -6.81 0.11
C CYS A 68 -2.63 -7.65 -0.68
N TYR A 69 -1.62 -8.16 -0.01
CA TYR A 69 -0.61 -8.91 -0.72
C TYR A 69 -0.98 -10.41 -0.76
N THR A 70 -0.17 -11.19 -1.47
CA THR A 70 -0.44 -12.62 -1.67
C THR A 70 -0.05 -13.50 -0.49
N LYS A 71 0.87 -13.05 0.37
CA LYS A 71 1.61 -13.91 1.28
C LYS A 71 1.33 -13.60 2.74
N PRO A 72 1.58 -14.55 3.65
CA PRO A 72 1.64 -14.26 5.08
C PRO A 72 2.70 -13.20 5.40
N ASN A 73 2.65 -12.68 6.62
CA ASN A 73 3.54 -11.59 7.02
C ASN A 73 5.00 -11.91 6.73
N GLY A 74 5.74 -10.91 6.22
CA GLY A 74 7.13 -11.13 5.91
C GLY A 74 7.79 -9.89 5.32
N ALA A 75 8.85 -10.11 4.53
CA ALA A 75 9.73 -9.01 4.10
C ALA A 75 9.24 -8.41 2.77
N PHE A 76 8.13 -7.66 2.88
CA PHE A 76 7.48 -7.06 1.71
C PHE A 76 7.16 -5.60 2.04
N THR A 77 8.21 -4.77 2.08
CA THR A 77 8.07 -3.38 2.46
C THR A 77 6.98 -2.75 1.62
N GLY A 78 6.08 -2.01 2.28
CA GLY A 78 5.02 -1.30 1.61
C GLY A 78 3.71 -2.04 1.43
N GLU A 79 3.64 -3.33 1.80
CA GLU A 79 2.46 -4.14 1.60
C GLU A 79 1.66 -4.30 2.90
N ILE A 80 0.37 -4.59 2.74
CA ILE A 80 -0.54 -4.97 3.82
CA ILE A 80 -0.51 -4.97 3.83
C ILE A 80 -0.98 -6.40 3.59
N SER A 81 -1.00 -7.20 4.64
CA SER A 81 -1.38 -8.59 4.48
C SER A 81 -2.83 -8.87 4.87
N ALA A 82 -3.33 -10.00 4.37
CA ALA A 82 -4.66 -10.45 4.76
C ALA A 82 -4.72 -10.82 6.25
N GLU A 83 -3.61 -11.32 6.81
CA GLU A 83 -3.53 -11.59 8.25
C GLU A 83 -3.78 -10.34 9.06
N MET A 84 -3.20 -9.21 8.60
CA MET A 84 -3.38 -7.93 9.29
C MET A 84 -4.83 -7.47 9.20
N LEU A 85 -5.45 -7.66 8.04
CA LEU A 85 -6.86 -7.33 7.95
C LEU A 85 -7.67 -8.15 8.95
N LYS A 86 -7.36 -9.44 9.05
CA LYS A 86 -8.05 -10.28 10.02
C LYS A 86 -7.80 -9.80 11.44
N ASP A 87 -6.53 -9.45 11.75
CA ASP A 87 -6.19 -8.98 13.09
C ASP A 87 -6.97 -7.72 13.45
N LEU A 88 -7.17 -6.83 12.49
CA LEU A 88 -7.92 -5.59 12.69
C LEU A 88 -9.42 -5.78 12.54
N GLY A 89 -9.88 -6.99 12.25
CA GLY A 89 -11.30 -7.22 12.06
C GLY A 89 -11.91 -6.51 10.87
N VAL A 90 -11.12 -6.27 9.81
CA VAL A 90 -11.63 -5.65 8.59
C VAL A 90 -12.26 -6.77 7.77
N PRO A 91 -13.56 -6.68 7.42
CA PRO A 91 -14.24 -7.86 6.89
C PRO A 91 -14.05 -8.07 5.41
N TRP A 92 -13.72 -7.03 4.64
CA TRP A 92 -13.79 -7.08 3.19
C TRP A 92 -12.47 -6.62 2.57
N VAL A 93 -12.22 -7.05 1.32
CA VAL A 93 -11.07 -6.58 0.57
C VAL A 93 -11.40 -6.60 -0.92
N ILE A 94 -11.05 -5.53 -1.63
CA ILE A 94 -11.13 -5.47 -3.09
C ILE A 94 -9.85 -6.06 -3.67
N LEU A 95 -9.98 -7.00 -4.63
CA LEU A 95 -8.84 -7.62 -5.27
C LEU A 95 -9.02 -7.60 -6.79
N GLY A 96 -7.92 -7.40 -7.51
CA GLY A 96 -7.90 -7.40 -8.96
C GLY A 96 -8.49 -6.15 -9.60
N HIS A 97 -8.59 -5.06 -8.86
CA HIS A 97 -9.09 -3.82 -9.46
C HIS A 97 -8.30 -3.43 -10.70
N SER A 98 -9.00 -2.88 -11.69
CA SER A 98 -8.37 -2.57 -12.97
C SER A 98 -7.11 -1.72 -12.82
N GLU A 99 -7.12 -0.74 -11.88
CA GLU A 99 -5.93 0.10 -11.68
C GLU A 99 -4.72 -0.70 -11.20
N ARG A 100 -4.92 -1.72 -10.36
CA ARG A 100 -3.79 -2.59 -10.02
C ARG A 100 -3.28 -3.35 -11.24
N ARG A 101 -4.20 -3.78 -12.09
CA ARG A 101 -3.81 -4.55 -13.27
C ARG A 101 -3.08 -3.65 -14.26
N THR A 102 -3.62 -2.47 -14.53
CA THR A 102 -3.05 -1.65 -15.60
C THR A 102 -1.90 -0.77 -15.13
N ILE A 103 -1.94 -0.27 -13.91
CA ILE A 103 -0.91 0.64 -13.46
C ILE A 103 0.20 -0.10 -12.75
N PHE A 104 -0.15 -1.12 -11.96
CA PHE A 104 0.84 -1.82 -11.17
C PHE A 104 1.14 -3.23 -11.67
N GLY A 105 0.59 -3.62 -12.82
CA GLY A 105 1.01 -4.85 -13.45
C GLY A 105 0.57 -6.13 -12.78
N GLU A 106 -0.50 -6.09 -11.98
CA GLU A 106 -0.92 -7.31 -11.30
C GLU A 106 -1.57 -8.26 -12.30
N SER A 107 -1.12 -9.50 -12.29
CA SER A 107 -1.53 -10.53 -13.24
C SER A 107 -2.68 -11.36 -12.69
N ASP A 108 -3.39 -12.05 -13.60
CA ASP A 108 -4.39 -13.03 -13.20
C ASP A 108 -3.85 -14.01 -12.17
N GLU A 109 -2.61 -14.44 -12.35
CA GLU A 109 -2.04 -15.43 -11.44
C GLU A 109 -1.79 -14.86 -10.05
N LEU A 110 -1.27 -13.63 -9.97
CA LEU A 110 -1.06 -12.98 -8.69
C LEU A 110 -2.39 -12.73 -7.98
N ILE A 111 -3.38 -12.28 -8.74
CA ILE A 111 -4.71 -12.03 -8.20
C ILE A 111 -5.34 -13.33 -7.69
N ALA A 112 -5.22 -14.43 -8.44
CA ALA A 112 -5.71 -15.73 -7.96
C ALA A 112 -5.13 -16.08 -6.59
N GLU A 113 -3.84 -15.83 -6.39
CA GLU A 113 -3.25 -16.18 -5.10
C GLU A 113 -3.75 -15.26 -3.99
N LYS A 114 -3.97 -13.97 -4.29
CA LYS A 114 -4.51 -13.05 -3.28
C LYS A 114 -5.92 -13.47 -2.86
N VAL A 115 -6.76 -13.86 -3.83
CA VAL A 115 -8.13 -14.25 -3.52
C VAL A 115 -8.15 -15.46 -2.60
N LYS A 116 -7.35 -16.47 -2.92
CA LYS A 116 -7.35 -17.69 -2.11
C LYS A 116 -6.84 -17.40 -0.70
N TYR A 117 -5.74 -16.66 -0.58
CA TYR A 117 -5.21 -16.36 0.74
C TYR A 117 -6.17 -15.49 1.57
N ALA A 118 -6.76 -14.45 0.95
CA ALA A 118 -7.74 -13.61 1.65
C ALA A 118 -8.92 -14.44 2.16
N LEU A 119 -9.50 -15.28 1.29
CA LEU A 119 -10.60 -16.12 1.74
C LEU A 119 -10.17 -17.06 2.87
N ASP A 120 -8.95 -17.60 2.78
CA ASP A 120 -8.46 -18.49 3.84
C ASP A 120 -8.26 -17.75 5.17
N GLN A 121 -8.05 -16.44 5.13
CA GLN A 121 -7.98 -15.64 6.34
C GLN A 121 -9.37 -15.14 6.83
N GLY A 122 -10.46 -15.68 6.30
CA GLY A 122 -11.79 -15.28 6.75
C GLY A 122 -12.33 -14.00 6.15
N LEU A 123 -11.62 -13.39 5.20
CA LEU A 123 -12.10 -12.18 4.58
C LEU A 123 -13.17 -12.50 3.54
N LYS A 124 -13.93 -11.45 3.21
CA LYS A 124 -14.88 -11.44 2.11
C LYS A 124 -14.23 -10.62 1.00
N VAL A 125 -14.38 -11.08 -0.25
CA VAL A 125 -13.62 -10.55 -1.37
C VAL A 125 -14.57 -9.96 -2.41
N ILE A 126 -14.28 -8.73 -2.85
CA ILE A 126 -14.85 -8.19 -4.08
C ILE A 126 -13.80 -8.41 -5.16
N ALA A 127 -14.07 -9.31 -6.10
CA ALA A 127 -13.11 -9.69 -7.14
C ALA A 127 -13.47 -9.00 -8.44
N CYS A 128 -12.55 -8.21 -8.98
CA CYS A 128 -12.85 -7.31 -10.10
C CYS A 128 -12.35 -7.89 -11.41
N ILE A 129 -13.19 -7.79 -12.44
CA ILE A 129 -12.86 -8.26 -13.80
C ILE A 129 -13.40 -7.23 -14.78
N GLY A 130 -12.94 -7.31 -16.04
CA GLY A 130 -13.43 -6.34 -17.02
C GLY A 130 -12.53 -6.23 -18.25
N GLU A 131 -13.14 -6.00 -19.41
CA GLU A 131 -12.40 -5.91 -20.66
C GLU A 131 -12.05 -4.46 -21.00
N THR A 132 -10.95 -4.29 -21.73
CA THR A 132 -10.52 -2.98 -22.20
C THR A 132 -11.38 -2.53 -23.39
N LEU A 133 -11.23 -1.25 -23.72
CA LEU A 133 -11.91 -0.67 -24.88
C LEU A 133 -11.59 -1.46 -26.15
N GLU A 134 -10.31 -1.79 -26.36
CA GLU A 134 -9.89 -2.49 -27.58
C GLU A 134 -10.42 -3.91 -27.61
N GLU A 135 -10.38 -4.59 -26.47
CA GLU A 135 -10.99 -5.92 -26.37
C GLU A 135 -12.48 -5.86 -26.66
N ARG A 136 -13.15 -4.81 -26.16
CA ARG A 136 -14.58 -4.66 -26.41
C ARG A 136 -14.84 -4.43 -27.89
N GLU A 137 -14.12 -3.50 -28.51
CA GLU A 137 -14.36 -3.19 -29.92
C GLU A 137 -14.05 -4.37 -30.82
N ALA A 138 -13.07 -5.21 -30.45
CA ALA A 138 -12.70 -6.38 -31.25
C ALA A 138 -13.57 -7.60 -30.96
N GLY A 139 -14.64 -7.45 -30.17
CA GLY A 139 -15.51 -8.56 -29.84
C GLY A 139 -14.99 -9.60 -28.86
N LYS A 140 -14.00 -9.29 -28.02
CA LYS A 140 -13.40 -10.29 -27.14
CA LYS A 140 -13.39 -10.27 -27.14
C LYS A 140 -13.95 -10.23 -25.71
N THR A 141 -15.02 -9.47 -25.47
CA THR A 141 -15.48 -9.23 -24.10
C THR A 141 -15.68 -10.53 -23.33
N MET A 142 -16.50 -11.45 -23.86
CA MET A 142 -16.80 -12.64 -23.06
C MET A 142 -15.60 -13.56 -22.97
N GLU A 143 -14.76 -13.62 -24.01
CA GLU A 143 -13.52 -14.36 -23.90
C GLU A 143 -12.67 -13.82 -22.74
N VAL A 144 -12.55 -12.49 -22.65
CA VAL A 144 -11.72 -11.89 -21.63
C VAL A 144 -12.30 -12.14 -20.23
N VAL A 145 -13.58 -11.82 -20.03
CA VAL A 145 -14.07 -11.85 -18.64
C VAL A 145 -14.30 -13.28 -18.18
N ALA A 146 -14.59 -14.22 -19.09
CA ALA A 146 -14.65 -15.63 -18.70
C ALA A 146 -13.28 -16.14 -18.26
N ARG A 147 -12.21 -15.76 -18.98
CA ARG A 147 -10.87 -16.17 -18.57
C ARG A 147 -10.50 -15.56 -17.22
N GLN A 148 -10.86 -14.30 -16.99
CA GLN A 148 -10.51 -13.64 -15.73
C GLN A 148 -11.16 -14.32 -14.54
N ILE A 149 -12.44 -14.70 -14.66
CA ILE A 149 -13.12 -15.38 -13.55
C ILE A 149 -12.53 -16.77 -13.35
N LEU A 150 -12.29 -17.50 -14.45
CA LEU A 150 -11.67 -18.81 -14.32
C LEU A 150 -10.36 -18.71 -13.55
N LYS A 151 -9.51 -17.76 -13.95
CA LYS A 151 -8.18 -17.63 -13.33
C LYS A 151 -8.27 -17.13 -11.88
N ALA A 152 -9.13 -16.15 -11.60
CA ALA A 152 -9.08 -15.47 -10.30
C ALA A 152 -9.82 -16.22 -9.19
N ILE A 153 -10.79 -17.05 -9.54
CA ILE A 153 -11.66 -17.67 -8.54
C ILE A 153 -11.86 -19.17 -8.83
N ALA A 154 -12.29 -19.51 -10.05
CA ALA A 154 -12.75 -20.90 -10.26
C ALA A 154 -11.61 -21.91 -10.15
N ASP A 155 -10.37 -21.50 -10.41
CA ASP A 155 -9.23 -22.42 -10.34
C ASP A 155 -9.01 -22.94 -8.90
N LYS A 156 -9.05 -22.05 -7.90
CA LYS A 156 -8.57 -22.34 -6.57
C LYS A 156 -9.65 -22.37 -5.49
N ILE A 157 -10.84 -21.84 -5.78
CA ILE A 157 -11.85 -21.57 -4.77
C ILE A 157 -12.90 -22.66 -4.86
N LYS A 158 -13.22 -23.27 -3.73
CA LYS A 158 -14.34 -24.20 -3.68
C LYS A 158 -15.59 -23.54 -3.12
N ASP A 159 -15.45 -22.78 -2.04
CA ASP A 159 -16.56 -22.11 -1.38
C ASP A 159 -16.61 -20.66 -1.85
N TRP A 160 -17.67 -20.32 -2.59
CA TRP A 160 -17.90 -18.99 -3.11
C TRP A 160 -18.74 -18.12 -2.19
N SER A 161 -19.04 -18.59 -0.97
CA SER A 161 -20.00 -17.88 -0.11
C SER A 161 -19.60 -16.43 0.11
N ASN A 162 -18.31 -16.17 0.21
CA ASN A 162 -17.82 -14.86 0.63
C ASN A 162 -17.19 -14.09 -0.52
N VAL A 163 -17.61 -14.41 -1.75
CA VAL A 163 -17.12 -13.76 -2.98
C VAL A 163 -18.24 -12.93 -3.58
N VAL A 164 -17.90 -11.71 -3.98
CA VAL A 164 -18.73 -10.88 -4.87
C VAL A 164 -17.91 -10.62 -6.12
N ILE A 165 -18.54 -10.79 -7.28
CA ILE A 165 -17.91 -10.46 -8.55
C ILE A 165 -18.26 -9.03 -8.95
N ALA A 166 -17.24 -8.21 -9.27
CA ALA A 166 -17.42 -6.85 -9.79
C ALA A 166 -17.02 -6.82 -11.26
N TYR A 167 -17.98 -6.66 -12.14
CA TYR A 167 -17.71 -6.42 -13.56
C TYR A 167 -17.57 -4.93 -13.81
N GLU A 168 -16.36 -4.48 -14.16
CA GLU A 168 -16.07 -3.08 -14.41
C GLU A 168 -15.31 -2.95 -15.72
N PRO A 169 -16.01 -2.81 -16.84
CA PRO A 169 -15.32 -2.60 -18.12
C PRO A 169 -14.34 -1.42 -18.00
N VAL A 170 -13.10 -1.66 -18.40
CA VAL A 170 -12.06 -0.65 -18.18
C VAL A 170 -12.44 0.67 -18.84
N TRP A 171 -13.14 0.61 -19.97
CA TRP A 171 -13.50 1.82 -20.72
C TRP A 171 -14.58 2.65 -20.03
N ALA A 172 -15.21 2.13 -18.98
CA ALA A 172 -16.23 2.84 -18.20
C ALA A 172 -15.70 3.41 -16.88
N ILE A 173 -14.46 3.08 -16.48
CA ILE A 173 -13.91 3.50 -15.19
C ILE A 173 -13.39 4.94 -15.26
N GLY A 174 -14.05 5.86 -14.56
CA GLY A 174 -13.58 7.23 -14.49
C GLY A 174 -13.70 8.02 -15.78
N THR A 175 -14.32 7.45 -16.81
CA THR A 175 -14.34 8.07 -18.13
C THR A 175 -15.60 8.88 -18.40
N GLY A 176 -16.59 8.81 -17.52
CA GLY A 176 -17.87 9.39 -17.88
C GLY A 176 -18.70 8.59 -18.85
N LYS A 177 -18.24 7.40 -19.24
CA LYS A 177 -18.94 6.57 -20.21
C LYS A 177 -19.44 5.29 -19.51
N VAL A 178 -20.66 5.35 -18.96
CA VAL A 178 -21.27 4.18 -18.31
C VAL A 178 -21.71 3.14 -19.34
N ALA A 179 -21.65 1.86 -18.97
CA ALA A 179 -22.35 0.85 -19.77
C ALA A 179 -23.85 1.11 -19.77
N THR A 180 -24.49 0.86 -20.92
CA THR A 180 -25.94 0.90 -20.95
C THR A 180 -26.48 -0.29 -20.15
N PRO A 181 -27.73 -0.18 -19.68
CA PRO A 181 -28.31 -1.34 -18.97
C PRO A 181 -28.30 -2.60 -19.80
N GLU A 182 -28.48 -2.47 -21.12
CA GLU A 182 -28.47 -3.65 -21.98
C GLU A 182 -27.05 -4.21 -22.13
N GLN A 183 -26.06 -3.33 -22.24
CA GLN A 183 -24.67 -3.79 -22.27
C GLN A 183 -24.30 -4.53 -21.00
N ALA A 184 -24.64 -3.94 -19.84
CA ALA A 184 -24.23 -4.54 -18.57
C ALA A 184 -25.00 -5.83 -18.31
N GLN A 185 -26.31 -5.83 -18.56
CA GLN A 185 -27.10 -7.04 -18.35
C GLN A 185 -26.60 -8.18 -19.22
N GLU A 186 -26.23 -7.88 -20.46
CA GLU A 186 -25.71 -8.90 -21.35
C GLU A 186 -24.51 -9.61 -20.73
N VAL A 187 -23.56 -8.84 -20.20
CA VAL A 187 -22.36 -9.45 -19.61
C VAL A 187 -22.71 -10.21 -18.34
N HIS A 188 -23.49 -9.58 -17.46
CA HIS A 188 -23.84 -10.25 -16.19
C HIS A 188 -24.55 -11.58 -16.43
N ALA A 189 -25.51 -11.60 -17.37
CA ALA A 189 -26.21 -12.84 -17.67
C ALA A 189 -25.25 -13.89 -18.23
N ALA A 190 -24.33 -13.48 -19.10
CA ALA A 190 -23.36 -14.44 -19.62
C ALA A 190 -22.42 -14.92 -18.54
N LEU A 191 -22.05 -14.04 -17.60
CA LEU A 191 -21.23 -14.47 -16.47
C LEU A 191 -21.96 -15.47 -15.59
N ARG A 192 -23.26 -15.23 -15.31
CA ARG A 192 -23.97 -16.16 -14.45
C ARG A 192 -24.13 -17.52 -15.15
N LYS A 193 -24.35 -17.51 -16.46
CA LYS A 193 -24.40 -18.76 -17.22
C LYS A 193 -23.07 -19.50 -17.19
N TRP A 194 -21.97 -18.76 -17.31
CA TRP A 194 -20.65 -19.38 -17.16
C TRP A 194 -20.53 -20.06 -15.79
N LEU A 195 -20.91 -19.35 -14.72
CA LEU A 195 -20.89 -19.93 -13.38
C LEU A 195 -21.76 -21.17 -13.30
N LYS A 196 -22.99 -21.09 -13.83
CA LYS A 196 -23.92 -22.21 -13.76
C LYS A 196 -23.32 -23.46 -14.40
N GLU A 197 -22.69 -23.31 -15.56
CA GLU A 197 -22.20 -24.46 -16.32
C GLU A 197 -20.81 -24.90 -15.91
N ASN A 198 -19.99 -24.00 -15.38
CA ASN A 198 -18.60 -24.33 -15.07
C ASN A 198 -18.33 -24.50 -13.59
N VAL A 199 -19.22 -24.03 -12.72
CA VAL A 199 -18.99 -24.18 -11.29
C VAL A 199 -20.15 -25.01 -10.75
N SER A 200 -21.32 -24.38 -10.60
CA SER A 200 -22.52 -25.06 -10.14
C SER A 200 -23.70 -24.11 -10.26
N PRO A 201 -24.92 -24.62 -10.42
CA PRO A 201 -26.09 -23.74 -10.39
C PRO A 201 -26.29 -23.07 -9.03
N GLU A 202 -25.90 -23.71 -7.93
CA GLU A 202 -26.04 -23.06 -6.63
C GLU A 202 -25.14 -21.83 -6.53
N VAL A 203 -23.90 -21.94 -7.02
CA VAL A 203 -23.00 -20.78 -7.01
C VAL A 203 -23.51 -19.69 -7.96
N ALA A 204 -24.04 -20.08 -9.12
CA ALA A 204 -24.57 -19.07 -10.02
C ALA A 204 -25.77 -18.34 -9.42
N GLU A 205 -26.65 -19.08 -8.74
CA GLU A 205 -27.84 -18.47 -8.16
C GLU A 205 -27.51 -17.53 -6.99
N SER A 206 -26.45 -17.81 -6.21
CA SER A 206 -26.22 -17.06 -4.98
C SER A 206 -25.10 -16.00 -5.09
N THR A 207 -24.28 -16.04 -6.13
CA THR A 207 -23.15 -15.11 -6.19
C THR A 207 -23.64 -13.76 -6.73
N ARG A 208 -23.42 -12.71 -5.96
CA ARG A 208 -23.70 -11.35 -6.44
C ARG A 208 -22.72 -10.99 -7.54
N ILE A 209 -23.24 -10.41 -8.62
CA ILE A 209 -22.44 -9.85 -9.70
C ILE A 209 -22.82 -8.37 -9.79
N ILE A 210 -21.89 -7.49 -9.40
CA ILE A 210 -22.17 -6.06 -9.34
C ILE A 210 -21.47 -5.38 -10.51
N TYR A 211 -22.02 -4.24 -10.92
CA TYR A 211 -21.50 -3.46 -12.04
C TYR A 211 -20.72 -2.24 -11.54
N GLY A 212 -19.59 -1.95 -12.16
CA GLY A 212 -18.87 -0.72 -11.87
C GLY A 212 -18.40 -0.03 -13.14
N GLY A 213 -18.20 1.29 -13.02
CA GLY A 213 -17.70 2.08 -14.12
C GLY A 213 -18.65 3.24 -14.41
N SER A 214 -18.36 4.40 -13.82
CA SER A 214 -19.16 5.63 -13.99
C SER A 214 -20.61 5.50 -13.48
N VAL A 215 -20.86 4.64 -12.49
CA VAL A 215 -22.16 4.63 -11.84
C VAL A 215 -22.37 5.94 -11.08
N ASN A 216 -23.57 6.52 -11.21
CA ASN A 216 -23.88 7.73 -10.46
C ASN A 216 -25.36 7.73 -10.14
N ALA A 217 -25.80 8.78 -9.43
CA ALA A 217 -27.19 8.79 -8.97
C ALA A 217 -28.17 8.79 -10.15
N ALA A 218 -27.81 9.42 -11.27
CA ALA A 218 -28.74 9.53 -12.38
C ALA A 218 -28.75 8.33 -13.35
N ASN A 219 -27.81 7.39 -13.25
CA ASN A 219 -27.91 6.19 -14.09
C ASN A 219 -28.12 4.91 -13.29
N CYS A 220 -28.12 4.97 -11.96
CA CYS A 220 -28.12 3.72 -11.19
C CYS A 220 -29.48 3.03 -11.19
N LYS A 221 -30.58 3.81 -11.27
CA LYS A 221 -31.91 3.19 -11.15
C LYS A 221 -32.21 2.26 -12.33
N GLU A 222 -31.91 2.70 -13.55
CA GLU A 222 -32.14 1.82 -14.69
C GLU A 222 -31.21 0.61 -14.70
N LEU A 223 -29.96 0.76 -14.22
CA LEU A 223 -29.08 -0.39 -14.10
C LEU A 223 -29.59 -1.40 -13.09
N ALA A 224 -30.10 -0.92 -11.95
CA ALA A 224 -30.51 -1.83 -10.88
C ALA A 224 -31.75 -2.63 -11.24
N LYS A 225 -32.52 -2.20 -12.24
CA LYS A 225 -33.66 -2.99 -12.67
C LYS A 225 -33.25 -4.24 -13.45
N GLN A 226 -32.01 -4.32 -13.91
CA GLN A 226 -31.61 -5.48 -14.72
C GLN A 226 -31.54 -6.74 -13.85
N PRO A 227 -32.10 -7.86 -14.33
CA PRO A 227 -32.28 -9.04 -13.45
C PRO A 227 -31.00 -9.68 -12.97
N ASP A 228 -29.89 -9.50 -13.67
CA ASP A 228 -28.64 -10.13 -13.24
C ASP A 228 -27.63 -9.13 -12.68
N ILE A 229 -28.00 -7.86 -12.53
CA ILE A 229 -27.14 -6.88 -11.88
C ILE A 229 -27.54 -6.83 -10.41
N ASP A 230 -26.62 -7.20 -9.52
CA ASP A 230 -26.89 -7.27 -8.09
C ASP A 230 -26.43 -6.07 -7.29
N GLY A 231 -26.07 -4.96 -7.93
CA GLY A 231 -25.54 -3.83 -7.20
C GLY A 231 -24.37 -3.21 -7.96
N PHE A 232 -23.55 -2.44 -7.25
CA PHE A 232 -22.58 -1.57 -7.87
C PHE A 232 -21.30 -1.48 -7.07
N LEU A 233 -20.19 -1.27 -7.79
CA LEU A 233 -18.94 -0.79 -7.24
C LEU A 233 -18.77 0.63 -7.75
N VAL A 234 -18.76 1.58 -6.83
CA VAL A 234 -18.83 3.00 -7.13
C VAL A 234 -17.48 3.65 -6.80
N GLY A 235 -16.86 4.31 -7.78
CA GLY A 235 -15.63 5.03 -7.59
C GLY A 235 -15.91 6.49 -7.31
N GLY A 236 -15.87 7.33 -8.36
CA GLY A 236 -15.98 8.78 -8.16
C GLY A 236 -17.18 9.22 -7.35
N ALA A 237 -18.38 8.68 -7.66
CA ALA A 237 -19.58 9.07 -6.92
C ALA A 237 -19.58 8.65 -5.45
N SER A 238 -18.70 7.71 -5.06
CA SER A 238 -18.68 7.33 -3.65
C SER A 238 -18.06 8.40 -2.76
N LEU A 239 -17.31 9.34 -3.33
CA LEU A 239 -16.73 10.46 -2.60
C LEU A 239 -17.76 11.57 -2.38
N LYS A 240 -18.87 11.53 -3.08
CA LYS A 240 -19.95 12.51 -2.94
C LYS A 240 -21.06 11.84 -2.15
N ALA A 241 -21.04 12.04 -0.83
CA ALA A 241 -21.93 11.30 0.06
C ALA A 241 -23.40 11.27 -0.37
N PRO A 242 -24.03 12.40 -0.72
CA PRO A 242 -25.47 12.32 -1.10
C PRO A 242 -25.70 11.49 -2.33
N GLU A 243 -24.74 11.50 -3.25
CA GLU A 243 -24.89 10.68 -4.43
C GLU A 243 -24.70 9.20 -4.09
N PHE A 244 -23.78 8.90 -3.16
CA PHE A 244 -23.58 7.51 -2.74
C PHE A 244 -24.82 6.97 -2.06
N VAL A 245 -25.48 7.82 -1.28
CA VAL A 245 -26.75 7.47 -0.62
C VAL A 245 -27.82 7.11 -1.66
N ASP A 246 -27.94 7.92 -2.71
CA ASP A 246 -28.92 7.61 -3.76
C ASP A 246 -28.61 6.26 -4.44
N ILE A 247 -27.34 5.96 -4.61
CA ILE A 247 -26.99 4.70 -5.26
C ILE A 247 -27.31 3.52 -4.33
N ILE A 248 -26.99 3.66 -3.03
CA ILE A 248 -27.44 2.67 -2.03
C ILE A 248 -28.95 2.44 -2.16
N ASN A 249 -29.71 3.51 -2.43
CA ASN A 249 -31.15 3.47 -2.55
C ASN A 249 -31.64 3.29 -3.99
N ALA A 250 -30.81 2.68 -4.86
CA ALA A 250 -31.16 2.58 -6.28
C ALA A 250 -32.46 1.81 -6.53
N ARG A 251 -32.83 0.89 -5.64
CA ARG A 251 -34.03 0.09 -5.87
C ARG A 251 -35.27 0.68 -5.20
N GLN A 252 -35.10 1.73 -4.42
CA GLN A 252 -36.22 2.39 -3.78
C GLN A 252 -36.91 3.32 -4.79
N MET B 1 32.42 15.84 6.90
CA MET B 1 32.66 16.45 8.21
C MET B 1 32.06 15.61 9.35
N ALA B 2 31.44 16.25 10.34
CA ALA B 2 31.02 15.53 11.54
C ALA B 2 29.97 16.25 12.37
N SER B 3 29.06 16.98 11.73
CA SER B 3 27.89 17.52 12.41
C SER B 3 26.62 16.74 12.07
N ARG B 4 26.75 15.51 11.55
CA ARG B 4 25.62 14.70 11.13
C ARG B 4 25.10 13.88 12.31
N LYS B 5 23.83 14.08 12.66
CA LYS B 5 23.26 13.40 13.82
C LYS B 5 23.01 11.93 13.53
N PHE B 6 23.44 11.06 14.44
CA PHE B 6 23.23 9.62 14.30
C PHE B 6 21.75 9.30 14.11
N PHE B 7 21.45 8.44 13.13
CA PHE B 7 20.09 8.17 12.69
C PHE B 7 19.84 6.67 12.70
N VAL B 8 18.78 6.22 13.40
CA VAL B 8 18.39 4.81 13.40
C VAL B 8 16.93 4.68 13.01
N GLY B 9 16.66 3.97 11.91
CA GLY B 9 15.30 3.73 11.46
C GLY B 9 14.96 2.25 11.57
N GLY B 10 13.73 1.97 11.99
CA GLY B 10 13.26 0.60 12.02
C GLY B 10 12.18 0.34 10.98
N ASN B 11 12.46 -0.53 10.01
CA ASN B 11 11.49 -0.86 8.94
C ASN B 11 10.83 -2.19 9.29
N TRP B 12 9.57 -2.13 9.75
CA TRP B 12 8.90 -3.35 10.20
C TRP B 12 8.40 -4.21 9.06
N LYS B 13 8.47 -3.72 7.82
CA LYS B 13 8.00 -4.41 6.62
C LYS B 13 6.55 -4.82 6.83
N MET B 14 6.16 -5.96 6.26
CA MET B 14 4.78 -6.45 6.37
C MET B 14 4.64 -7.37 7.58
N ASN B 15 4.82 -6.78 8.76
CA ASN B 15 4.75 -7.52 10.01
C ASN B 15 4.06 -6.69 11.06
N GLY B 16 3.33 -7.35 11.94
CA GLY B 16 2.76 -6.73 13.11
C GLY B 16 1.30 -7.04 13.33
N THR B 17 0.89 -7.05 14.60
CA THR B 17 -0.48 -7.12 15.06
C THR B 17 -0.68 -6.03 16.10
N LEU B 18 -1.95 -5.77 16.44
CA LEU B 18 -2.22 -4.83 17.53
C LEU B 18 -1.41 -5.22 18.77
N GLU B 19 -1.45 -6.51 19.11
CA GLU B 19 -0.75 -7.00 20.30
C GLU B 19 0.76 -6.85 20.17
N SER B 20 1.33 -7.29 19.05
CA SER B 20 2.79 -7.24 18.93
C SER B 20 3.31 -5.81 18.83
N ILE B 21 2.58 -4.90 18.16
CA ILE B 21 3.06 -3.52 18.03
C ILE B 21 2.92 -2.77 19.35
N LYS B 22 1.82 -3.00 20.09
CA LYS B 22 1.70 -2.47 21.46
C LYS B 22 2.93 -2.80 22.28
N ALA B 23 3.28 -4.08 22.32
CA ALA B 23 4.44 -4.55 23.10
C ALA B 23 5.72 -3.83 22.66
N LEU B 24 6.00 -3.81 21.35
CA LEU B 24 7.26 -3.25 20.88
C LEU B 24 7.36 -1.76 21.20
N VAL B 25 6.27 -1.02 21.01
CA VAL B 25 6.30 0.41 21.33
C VAL B 25 6.45 0.65 22.83
N GLU B 26 5.73 -0.14 23.65
CA GLU B 26 5.84 0.03 25.09
C GLU B 26 7.27 -0.18 25.58
N THR B 27 7.97 -1.14 24.98
CA THR B 27 9.37 -1.35 25.33
C THR B 27 10.21 -0.13 24.95
N LEU B 28 9.99 0.42 23.75
CA LEU B 28 10.74 1.61 23.36
C LEU B 28 10.41 2.79 24.25
N ASN B 29 9.14 2.90 24.67
CA ASN B 29 8.74 3.95 25.60
C ASN B 29 9.49 3.82 26.92
N SER B 30 9.65 2.58 27.41
CA SER B 30 10.31 2.30 28.67
C SER B 30 11.82 2.49 28.62
N ALA B 31 12.44 2.27 27.47
CA ALA B 31 13.89 2.12 27.41
C ALA B 31 14.59 3.45 27.62
N GLN B 32 15.85 3.35 28.03
CA GLN B 32 16.76 4.47 28.08
C GLN B 32 17.44 4.57 26.70
N LEU B 33 17.14 5.62 25.96
CA LEU B 33 17.66 5.79 24.60
C LEU B 33 18.64 6.96 24.56
N ASP B 34 19.79 6.74 23.94
CA ASP B 34 20.76 7.79 23.69
C ASP B 34 20.06 9.00 23.05
N PRO B 35 20.11 10.18 23.68
CA PRO B 35 19.44 11.35 23.09
C PRO B 35 20.15 11.93 21.89
N ASN B 36 21.34 11.44 21.53
CA ASN B 36 22.03 11.85 20.31
C ASN B 36 21.59 11.08 19.08
N THR B 37 20.60 10.19 19.21
CA THR B 37 20.13 9.35 18.11
C THR B 37 18.78 9.84 17.65
N GLU B 38 18.65 10.06 16.34
CA GLU B 38 17.35 10.32 15.72
C GLU B 38 16.70 8.97 15.40
N VAL B 39 15.52 8.72 15.96
CA VAL B 39 14.88 7.40 15.89
C VAL B 39 13.59 7.50 15.07
N VAL B 40 13.45 6.63 14.07
CA VAL B 40 12.24 6.59 13.24
C VAL B 40 11.81 5.13 13.09
N VAL B 41 10.51 4.87 13.23
CA VAL B 41 10.00 3.52 13.03
C VAL B 41 8.92 3.59 11.96
N ALA B 42 8.86 2.55 11.11
CA ALA B 42 7.97 2.52 9.94
C ALA B 42 7.00 1.35 10.03
N PRO B 43 5.81 1.56 10.60
CA PRO B 43 4.83 0.45 10.65
C PRO B 43 4.13 0.26 9.32
N PRO B 44 3.49 -0.88 9.07
CA PRO B 44 2.60 -0.99 7.91
C PRO B 44 1.58 0.14 7.99
N ALA B 45 1.17 0.62 6.81
CA ALA B 45 0.33 1.83 6.75
C ALA B 45 -0.91 1.70 7.64
N ILE B 46 -1.56 0.53 7.64
CA ILE B 46 -2.82 0.37 8.36
C ILE B 46 -2.63 0.45 9.89
N TYR B 47 -1.41 0.26 10.40
CA TYR B 47 -1.10 0.38 11.83
C TYR B 47 -0.41 1.69 12.18
N LEU B 48 -0.17 2.56 11.19
CA LEU B 48 0.50 3.83 11.43
C LEU B 48 -0.22 4.69 12.47
N PRO B 49 -1.55 4.90 12.41
CA PRO B 49 -2.21 5.70 13.48
C PRO B 49 -2.11 5.06 14.85
N PHE B 50 -2.27 3.74 14.92
CA PHE B 50 -2.22 3.06 16.21
C PHE B 50 -0.84 3.18 16.82
N ALA B 51 0.19 2.85 16.04
CA ALA B 51 1.56 2.95 16.53
C ALA B 51 1.88 4.36 17.03
N ARG B 52 1.49 5.39 16.27
CA ARG B 52 1.83 6.73 16.74
C ARG B 52 1.06 7.08 18.01
N SER B 53 -0.15 6.55 18.16
CA SER B 53 -0.95 6.83 19.36
C SER B 53 -0.31 6.25 20.62
N LYS B 54 0.46 5.18 20.49
CA LYS B 54 1.08 4.57 21.65
C LYS B 54 2.47 5.12 21.94
N LEU B 55 3.02 5.96 21.07
CA LEU B 55 4.33 6.56 21.27
C LEU B 55 4.25 7.68 22.30
N LYS B 56 4.90 7.48 23.46
CA LYS B 56 4.85 8.46 24.53
C LYS B 56 5.67 9.70 24.21
N LYS B 57 6.97 9.53 23.95
CA LYS B 57 7.83 10.62 23.59
C LYS B 57 7.76 10.91 22.10
N PRO B 58 6.55 11.31 21.62
CA PRO B 58 6.33 11.50 20.18
C PRO B 58 7.35 12.41 19.52
N LYS B 59 8.03 13.24 20.30
CA LYS B 59 9.15 14.02 19.79
C LYS B 59 10.43 13.19 19.67
N GLU B 60 10.59 12.17 20.53
CA GLU B 60 11.83 11.41 20.62
C GLU B 60 11.90 10.28 19.58
N ILE B 61 10.77 9.66 19.27
CA ILE B 61 10.69 8.63 18.22
C ILE B 61 9.61 9.04 17.23
N GLN B 62 9.94 9.04 15.95
CA GLN B 62 9.00 9.45 14.93
C GLN B 62 8.60 8.27 14.04
N VAL B 63 7.49 8.44 13.33
CA VAL B 63 6.93 7.39 12.50
C VAL B 63 7.14 7.71 11.03
N ALA B 64 7.20 6.66 10.22
CA ALA B 64 7.42 6.72 8.79
C ALA B 64 6.46 5.78 8.06
N ALA B 65 6.03 6.19 6.88
CA ALA B 65 5.44 5.27 5.93
C ALA B 65 6.52 4.45 5.22
N GLN B 66 6.17 3.24 4.79
CA GLN B 66 7.12 2.38 4.07
C GLN B 66 7.11 2.61 2.57
N ASN B 67 6.25 3.49 2.06
CA ASN B 67 6.05 3.74 0.64
C ASN B 67 4.96 4.81 0.51
N CYS B 68 4.92 5.45 -0.66
CA CYS B 68 3.78 6.26 -1.08
C CYS B 68 3.82 6.33 -2.60
N TYR B 69 2.76 6.86 -3.20
CA TYR B 69 2.68 6.90 -4.65
C TYR B 69 3.31 8.19 -5.20
N THR B 70 3.40 8.29 -6.53
CA THR B 70 4.06 9.41 -7.20
C THR B 70 3.22 10.68 -7.26
N LYS B 71 1.89 10.57 -7.16
CA LYS B 71 0.98 11.61 -7.63
C LYS B 71 0.14 12.17 -6.50
N PRO B 72 -0.45 13.36 -6.71
CA PRO B 72 -1.53 13.82 -5.83
C PRO B 72 -2.72 12.86 -5.87
N ASN B 73 -3.64 13.06 -4.92
CA ASN B 73 -4.78 12.15 -4.77
C ASN B 73 -5.53 11.94 -6.10
N GLY B 74 -5.95 10.71 -6.33
CA GLY B 74 -6.62 10.37 -7.56
C GLY B 74 -7.00 8.90 -7.59
N ALA B 75 -7.20 8.40 -8.81
CA ALA B 75 -7.78 7.07 -9.04
C ALA B 75 -6.66 6.03 -9.09
N PHE B 76 -6.11 5.75 -7.92
CA PHE B 76 -5.01 4.79 -7.79
C PHE B 76 -5.37 3.83 -6.65
N THR B 77 -6.29 2.89 -6.94
CA THR B 77 -6.78 1.97 -5.92
C THR B 77 -5.60 1.25 -5.28
N GLY B 78 -5.56 1.25 -3.95
CA GLY B 78 -4.55 0.52 -3.20
C GLY B 78 -3.32 1.33 -2.80
N GLU B 79 -3.24 2.58 -3.25
CA GLU B 79 -2.10 3.48 -3.00
C GLU B 79 -2.38 4.51 -1.89
N ILE B 80 -1.31 4.94 -1.25
CA ILE B 80 -1.30 6.04 -0.29
C ILE B 80 -0.51 7.21 -0.90
N SER B 81 -1.03 8.43 -0.75
CA SER B 81 -0.32 9.58 -1.28
C SER B 81 0.51 10.31 -0.22
N ALA B 82 1.49 11.06 -0.71
CA ALA B 82 2.26 11.94 0.16
C ALA B 82 1.38 12.98 0.84
N GLU B 83 0.31 13.45 0.17
CA GLU B 83 -0.50 14.44 0.88
C GLU B 83 -1.31 13.82 2.00
N MET B 84 -1.60 12.51 1.94
CA MET B 84 -2.23 11.86 3.09
C MET B 84 -1.26 11.79 4.25
N LEU B 85 0.00 11.44 3.97
CA LEU B 85 1.00 11.43 5.03
C LEU B 85 1.09 12.81 5.69
N LYS B 86 1.00 13.87 4.90
CA LYS B 86 1.03 15.23 5.44
C LYS B 86 -0.22 15.51 6.26
N ASP B 87 -1.40 15.11 5.75
CA ASP B 87 -2.64 15.29 6.48
C ASP B 87 -2.60 14.63 7.84
N LEU B 88 -2.05 13.42 7.91
CA LEU B 88 -2.07 12.64 9.14
C LEU B 88 -0.91 12.98 10.07
N GLY B 89 0.01 13.82 9.62
CA GLY B 89 1.15 14.21 10.44
C GLY B 89 2.27 13.20 10.52
N VAL B 90 2.40 12.32 9.52
CA VAL B 90 3.53 11.38 9.41
C VAL B 90 4.72 12.14 8.85
N PRO B 91 5.85 12.18 9.56
CA PRO B 91 6.95 13.04 9.12
C PRO B 91 7.87 12.42 8.07
N TRP B 92 7.93 11.09 8.00
CA TRP B 92 8.93 10.37 7.24
C TRP B 92 8.30 9.36 6.28
N VAL B 93 8.99 9.06 5.19
CA VAL B 93 8.61 8.00 4.27
C VAL B 93 9.87 7.32 3.74
N ILE B 94 9.84 6.00 3.66
CA ILE B 94 10.88 5.22 3.02
C ILE B 94 10.55 5.11 1.53
N LEU B 95 11.52 5.39 0.65
CA LEU B 95 11.28 5.33 -0.78
C LEU B 95 12.38 4.55 -1.47
N GLY B 96 11.98 3.75 -2.46
CA GLY B 96 12.94 3.01 -3.26
C GLY B 96 13.50 1.78 -2.59
N HIS B 97 12.84 1.26 -1.53
CA HIS B 97 13.34 0.06 -0.86
C HIS B 97 13.56 -1.08 -1.85
N SER B 98 14.63 -1.86 -1.62
CA SER B 98 14.99 -2.91 -2.57
C SER B 98 13.81 -3.82 -2.89
N GLU B 99 13.00 -4.16 -1.88
CA GLU B 99 11.86 -5.04 -2.12
C GLU B 99 10.87 -4.42 -3.11
N ARG B 100 10.66 -3.10 -3.04
CA ARG B 100 9.80 -2.44 -4.03
C ARG B 100 10.42 -2.51 -5.43
N ARG B 101 11.74 -2.39 -5.50
CA ARG B 101 12.43 -2.43 -6.79
C ARG B 101 12.38 -3.83 -7.40
N THR B 102 12.66 -4.86 -6.60
CA THR B 102 12.83 -6.21 -7.12
C THR B 102 11.53 -6.98 -7.20
N ILE B 103 10.66 -6.84 -6.20
CA ILE B 103 9.40 -7.60 -6.18
C ILE B 103 8.29 -6.84 -6.90
N PHE B 104 8.25 -5.52 -6.79
CA PHE B 104 7.17 -4.76 -7.36
C PHE B 104 7.61 -3.90 -8.55
N GLY B 105 8.82 -4.11 -9.07
CA GLY B 105 9.23 -3.49 -10.32
C GLY B 105 9.36 -1.98 -10.32
N GLU B 106 9.52 -1.35 -9.15
CA GLU B 106 9.62 0.11 -9.09
C GLU B 106 10.96 0.56 -9.68
N SER B 107 10.90 1.51 -10.60
CA SER B 107 12.08 1.89 -11.37
C SER B 107 12.76 3.13 -10.80
N ASP B 108 14.01 3.33 -11.20
CA ASP B 108 14.72 4.57 -10.87
C ASP B 108 13.87 5.80 -11.15
N GLU B 109 13.20 5.82 -12.31
CA GLU B 109 12.40 6.98 -12.71
C GLU B 109 11.20 7.17 -11.80
N LEU B 110 10.48 6.09 -11.50
CA LEU B 110 9.35 6.19 -10.58
C LEU B 110 9.80 6.68 -9.21
N ILE B 111 10.89 6.10 -8.68
CA ILE B 111 11.35 6.49 -7.35
C ILE B 111 11.74 7.96 -7.32
N ALA B 112 12.38 8.46 -8.38
CA ALA B 112 12.76 9.87 -8.39
C ALA B 112 11.53 10.78 -8.33
N GLU B 113 10.45 10.40 -9.01
CA GLU B 113 9.24 11.20 -8.94
C GLU B 113 8.63 11.14 -7.55
N LYS B 114 8.65 9.95 -6.92
CA LYS B 114 8.17 9.82 -5.55
C LYS B 114 8.97 10.71 -4.61
N VAL B 115 10.30 10.70 -4.75
CA VAL B 115 11.14 11.49 -3.84
C VAL B 115 10.80 12.97 -3.97
N LYS B 116 10.72 13.48 -5.20
CA LYS B 116 10.43 14.90 -5.38
C LYS B 116 9.06 15.27 -4.82
N TYR B 117 8.04 14.44 -5.11
CA TYR B 117 6.71 14.79 -4.63
C TYR B 117 6.65 14.72 -3.11
N ALA B 118 7.29 13.71 -2.50
CA ALA B 118 7.29 13.61 -1.04
C ALA B 118 7.94 14.84 -0.41
N LEU B 119 9.11 15.23 -0.91
CA LEU B 119 9.78 16.43 -0.41
C LEU B 119 8.91 17.67 -0.64
N ASP B 120 8.26 17.77 -1.81
CA ASP B 120 7.38 18.91 -2.06
C ASP B 120 6.26 18.99 -1.03
N GLN B 121 5.81 17.85 -0.50
CA GLN B 121 4.78 17.82 0.51
C GLN B 121 5.30 17.97 1.94
N GLY B 122 6.57 18.33 2.13
CA GLY B 122 7.09 18.57 3.46
C GLY B 122 7.49 17.32 4.21
N LEU B 123 7.51 16.18 3.54
CA LEU B 123 7.98 14.95 4.16
C LEU B 123 9.50 14.88 4.18
N LYS B 124 10.01 14.06 5.09
CA LYS B 124 11.41 13.69 5.12
C LYS B 124 11.51 12.28 4.52
N VAL B 125 12.56 12.04 3.75
CA VAL B 125 12.67 10.86 2.88
C VAL B 125 13.91 10.05 3.24
N ILE B 126 13.70 8.77 3.53
CA ILE B 126 14.79 7.79 3.55
C ILE B 126 14.83 7.16 2.16
N ALA B 127 15.84 7.52 1.37
CA ALA B 127 15.94 7.10 -0.02
C ALA B 127 16.94 5.95 -0.11
N CYS B 128 16.47 4.79 -0.56
CA CYS B 128 17.20 3.53 -0.45
C CYS B 128 17.87 3.20 -1.78
N ILE B 129 19.15 2.79 -1.71
CA ILE B 129 19.92 2.34 -2.86
C ILE B 129 20.71 1.12 -2.43
N GLY B 130 21.18 0.36 -3.42
CA GLY B 130 21.94 -0.84 -3.13
C GLY B 130 22.14 -1.72 -4.36
N GLU B 131 23.30 -2.37 -4.45
CA GLU B 131 23.64 -3.22 -5.59
C GLU B 131 23.34 -4.68 -5.25
N THR B 132 23.08 -5.48 -6.28
CA THR B 132 22.82 -6.90 -6.10
C THR B 132 24.12 -7.68 -5.91
N LEU B 133 23.98 -8.94 -5.50
CA LEU B 133 25.16 -9.78 -5.41
C LEU B 133 25.87 -9.90 -6.75
N GLU B 134 25.10 -10.10 -7.84
CA GLU B 134 25.68 -10.21 -9.18
C GLU B 134 26.39 -8.93 -9.57
N GLU B 135 25.80 -7.77 -9.27
CA GLU B 135 26.43 -6.50 -9.62
C GLU B 135 27.75 -6.31 -8.87
N ARG B 136 27.83 -6.76 -7.62
CA ARG B 136 29.08 -6.61 -6.89
C ARG B 136 30.17 -7.55 -7.43
N GLU B 137 29.80 -8.79 -7.78
CA GLU B 137 30.84 -9.69 -8.29
C GLU B 137 31.22 -9.37 -9.72
N ALA B 138 30.37 -8.64 -10.45
CA ALA B 138 30.78 -8.05 -11.73
C ALA B 138 31.55 -6.76 -11.54
N GLY B 139 31.82 -6.35 -10.30
CA GLY B 139 32.59 -5.15 -10.00
C GLY B 139 31.88 -3.84 -10.24
N LYS B 140 30.55 -3.84 -10.23
CA LYS B 140 29.76 -2.68 -10.64
C LYS B 140 29.13 -1.94 -9.48
N THR B 141 29.55 -2.23 -8.23
CA THR B 141 28.87 -1.68 -7.06
C THR B 141 28.74 -0.17 -7.14
N MET B 142 29.87 0.52 -7.36
CA MET B 142 29.84 1.98 -7.34
C MET B 142 29.15 2.55 -8.57
N GLU B 143 29.30 1.89 -9.72
CA GLU B 143 28.54 2.27 -10.91
C GLU B 143 27.03 2.23 -10.65
N VAL B 144 26.57 1.17 -9.98
CA VAL B 144 25.13 1.03 -9.71
C VAL B 144 24.67 2.09 -8.72
N VAL B 145 25.31 2.16 -7.54
CA VAL B 145 24.78 3.05 -6.50
C VAL B 145 24.89 4.52 -6.91
N ALA B 146 25.89 4.87 -7.73
CA ALA B 146 26.02 6.25 -8.21
C ALA B 146 24.92 6.58 -9.21
N ARG B 147 24.62 5.67 -10.15
CA ARG B 147 23.46 5.88 -11.02
C ARG B 147 22.17 5.96 -10.21
N GLN B 148 21.97 5.05 -9.24
CA GLN B 148 20.74 5.08 -8.46
C GLN B 148 20.58 6.41 -7.72
N ILE B 149 21.67 6.91 -7.13
CA ILE B 149 21.56 8.19 -6.45
C ILE B 149 21.38 9.33 -7.46
N LEU B 150 21.97 9.23 -8.65
CA LEU B 150 21.86 10.32 -9.61
C LEU B 150 20.43 10.44 -10.14
N LYS B 151 19.79 9.32 -10.46
CA LYS B 151 18.40 9.39 -10.90
C LYS B 151 17.46 9.74 -9.73
N ALA B 152 17.59 9.04 -8.58
CA ALA B 152 16.57 9.12 -7.53
C ALA B 152 16.50 10.49 -6.85
N ILE B 153 17.61 11.22 -6.74
CA ILE B 153 17.55 12.49 -6.02
C ILE B 153 18.26 13.59 -6.80
N ALA B 154 19.49 13.31 -7.24
CA ALA B 154 20.34 14.38 -7.79
C ALA B 154 19.68 15.09 -8.96
N ASP B 155 18.82 14.40 -9.73
CA ASP B 155 18.11 14.99 -10.85
C ASP B 155 17.07 16.01 -10.41
N LYS B 156 15.97 15.54 -9.84
CA LYS B 156 14.83 16.43 -9.62
C LYS B 156 14.94 17.26 -8.34
N ILE B 157 15.94 17.00 -7.49
CA ILE B 157 16.01 17.58 -6.14
C ILE B 157 17.11 18.61 -6.09
N LYS B 158 16.82 19.74 -5.43
CA LYS B 158 17.81 20.78 -5.20
C LYS B 158 18.09 21.00 -3.72
N ASP B 159 17.09 20.88 -2.86
CA ASP B 159 17.30 20.91 -1.42
C ASP B 159 17.41 19.48 -0.91
N TRP B 160 18.58 19.12 -0.39
CA TRP B 160 18.80 17.81 0.23
C TRP B 160 18.60 17.83 1.74
N SER B 161 18.13 18.94 2.31
CA SER B 161 18.10 19.06 3.77
C SER B 161 17.34 17.93 4.44
N ASN B 162 16.27 17.45 3.80
CA ASN B 162 15.39 16.46 4.41
C ASN B 162 15.53 15.07 3.77
N VAL B 163 16.69 14.78 3.18
CA VAL B 163 16.99 13.48 2.58
C VAL B 163 17.98 12.73 3.46
N VAL B 164 17.67 11.47 3.77
CA VAL B 164 18.62 10.52 4.34
C VAL B 164 18.80 9.42 3.30
N ILE B 165 20.06 9.15 2.93
CA ILE B 165 20.39 8.09 1.98
C ILE B 165 20.63 6.79 2.74
N ALA B 166 19.95 5.72 2.35
CA ALA B 166 20.14 4.42 2.98
C ALA B 166 20.82 3.49 1.98
N TYR B 167 22.05 3.06 2.28
CA TYR B 167 22.73 2.08 1.45
C TYR B 167 22.47 0.69 2.05
N GLU B 168 21.78 -0.15 1.29
CA GLU B 168 21.42 -1.51 1.71
C GLU B 168 21.76 -2.44 0.56
N PRO B 169 22.96 -3.01 0.55
CA PRO B 169 23.28 -4.00 -0.48
C PRO B 169 22.27 -5.14 -0.45
N VAL B 170 21.76 -5.52 -1.61
CA VAL B 170 20.67 -6.50 -1.67
C VAL B 170 21.07 -7.81 -1.00
N TRP B 171 22.33 -8.21 -1.18
CA TRP B 171 22.82 -9.48 -0.66
C TRP B 171 22.92 -9.47 0.87
N ALA B 172 22.75 -8.32 1.51
CA ALA B 172 22.73 -8.24 2.97
C ALA B 172 21.32 -8.19 3.57
N ILE B 173 20.29 -7.95 2.76
CA ILE B 173 18.95 -7.74 3.30
C ILE B 173 18.35 -9.10 3.62
N GLY B 174 18.11 -9.36 4.91
CA GLY B 174 17.40 -10.55 5.34
C GLY B 174 18.20 -11.82 5.26
N THR B 175 19.46 -11.75 4.83
CA THR B 175 20.26 -12.94 4.55
C THR B 175 21.12 -13.37 5.73
N GLY B 176 21.32 -12.52 6.72
CA GLY B 176 22.29 -12.80 7.76
C GLY B 176 23.72 -12.53 7.35
N LYS B 177 23.94 -11.96 6.17
CA LYS B 177 25.28 -11.66 5.66
C LYS B 177 25.50 -10.15 5.72
N VAL B 178 25.77 -9.65 6.93
CA VAL B 178 26.03 -8.23 7.13
C VAL B 178 27.30 -7.82 6.39
N ALA B 179 27.30 -6.60 5.85
CA ALA B 179 28.55 -6.05 5.33
C ALA B 179 29.54 -5.82 6.47
N THR B 180 30.81 -6.06 6.20
CA THR B 180 31.83 -5.78 7.20
C THR B 180 31.94 -4.27 7.39
N PRO B 181 32.45 -3.82 8.54
CA PRO B 181 32.69 -2.38 8.71
C PRO B 181 33.50 -1.77 7.57
N GLU B 182 34.50 -2.52 7.07
CA GLU B 182 35.31 -2.06 5.94
C GLU B 182 34.47 -1.98 4.68
N GLN B 183 33.68 -3.03 4.39
CA GLN B 183 32.88 -3.06 3.18
C GLN B 183 31.92 -1.87 3.14
N ALA B 184 31.23 -1.61 4.26
CA ALA B 184 30.22 -0.55 4.29
C ALA B 184 30.88 0.82 4.20
N GLN B 185 31.97 1.02 4.94
CA GLN B 185 32.64 2.32 4.97
C GLN B 185 33.16 2.68 3.60
N GLU B 186 33.66 1.70 2.85
CA GLU B 186 34.16 1.94 1.50
C GLU B 186 33.08 2.52 0.58
N VAL B 187 31.89 1.94 0.59
CA VAL B 187 30.82 2.47 -0.25
C VAL B 187 30.35 3.83 0.25
N HIS B 188 30.16 3.97 1.57
CA HIS B 188 29.67 5.22 2.13
C HIS B 188 30.62 6.37 1.82
N ALA B 189 31.93 6.15 1.99
CA ALA B 189 32.89 7.19 1.66
C ALA B 189 32.87 7.51 0.17
N ALA B 190 32.72 6.51 -0.69
CA ALA B 190 32.65 6.77 -2.12
C ALA B 190 31.35 7.48 -2.50
N LEU B 191 30.23 7.13 -1.87
CA LEU B 191 29.00 7.89 -2.08
C LEU B 191 29.14 9.34 -1.63
N ARG B 192 29.77 9.58 -0.47
CA ARG B 192 29.93 10.95 0.01
C ARG B 192 30.82 11.77 -0.93
N LYS B 193 31.86 11.14 -1.49
CA LYS B 193 32.67 11.77 -2.53
C LYS B 193 31.86 12.09 -3.77
N TRP B 194 31.00 11.15 -4.21
CA TRP B 194 30.11 11.43 -5.32
C TRP B 194 29.29 12.69 -5.07
N LEU B 195 28.67 12.78 -3.88
CA LEU B 195 27.89 13.96 -3.55
C LEU B 195 28.75 15.23 -3.58
N LYS B 196 29.97 15.15 -3.07
CA LYS B 196 30.87 16.31 -3.07
C LYS B 196 31.13 16.80 -4.49
N GLU B 197 31.39 15.89 -5.42
CA GLU B 197 31.80 16.27 -6.75
C GLU B 197 30.62 16.57 -7.67
N ASN B 198 29.46 15.97 -7.40
CA ASN B 198 28.33 16.06 -8.31
C ASN B 198 27.18 16.91 -7.80
N VAL B 199 27.19 17.29 -6.53
CA VAL B 199 26.19 18.18 -5.97
C VAL B 199 26.90 19.37 -5.35
N SER B 200 27.39 19.22 -4.14
CA SER B 200 28.14 20.27 -3.45
C SER B 200 28.86 19.69 -2.23
N PRO B 201 30.00 20.29 -1.84
CA PRO B 201 30.62 19.89 -0.56
C PRO B 201 29.69 20.05 0.63
N GLU B 202 28.82 21.07 0.61
CA GLU B 202 27.88 21.25 1.71
CA GLU B 202 27.88 21.25 1.71
C GLU B 202 26.92 20.07 1.81
N VAL B 203 26.38 19.62 0.68
CA VAL B 203 25.45 18.50 0.71
C VAL B 203 26.16 17.23 1.16
N ALA B 204 27.39 17.01 0.66
CA ALA B 204 28.15 15.83 1.05
C ALA B 204 28.43 15.82 2.56
N GLU B 205 28.78 16.98 3.12
CA GLU B 205 29.15 17.04 4.53
C GLU B 205 27.95 16.88 5.46
N SER B 206 26.78 17.31 5.02
CA SER B 206 25.60 17.30 5.91
C SER B 206 24.61 16.14 5.68
N THR B 207 24.70 15.42 4.58
CA THR B 207 23.68 14.37 4.30
C THR B 207 24.03 13.08 5.02
N ARG B 208 23.10 12.55 5.81
CA ARG B 208 23.35 11.26 6.50
C ARG B 208 23.29 10.12 5.49
N ILE B 209 24.27 9.25 5.54
CA ILE B 209 24.26 8.01 4.72
C ILE B 209 24.26 6.88 5.75
N ILE B 210 23.16 6.15 5.78
CA ILE B 210 22.99 5.06 6.76
C ILE B 210 23.16 3.71 6.05
N TYR B 211 23.58 2.73 6.84
CA TYR B 211 23.79 1.38 6.33
C TYR B 211 22.64 0.47 6.74
N GLY B 212 22.20 -0.35 5.80
CA GLY B 212 21.17 -1.35 6.09
C GLY B 212 21.52 -2.71 5.51
N GLY B 213 21.05 -3.76 6.19
CA GLY B 213 21.25 -5.12 5.73
C GLY B 213 21.85 -6.01 6.81
N SER B 214 20.97 -6.65 7.60
CA SER B 214 21.35 -7.60 8.67
C SER B 214 22.02 -6.91 9.87
N VAL B 215 21.71 -5.63 10.10
CA VAL B 215 22.22 -4.94 11.27
C VAL B 215 21.59 -5.56 12.52
N ASN B 216 22.41 -5.79 13.55
CA ASN B 216 21.89 -6.34 14.81
C ASN B 216 22.71 -5.79 15.98
N ALA B 217 22.25 -6.13 17.20
CA ALA B 217 22.89 -5.60 18.40
C ALA B 217 24.37 -5.95 18.45
N ALA B 218 24.76 -7.11 17.93
CA ALA B 218 26.14 -7.54 18.01
C ALA B 218 27.04 -6.88 16.97
N ASN B 219 26.54 -6.51 15.80
CA ASN B 219 27.44 -5.96 14.79
C ASN B 219 27.34 -4.44 14.64
N CYS B 220 26.44 -3.80 15.39
CA CYS B 220 26.18 -2.38 15.15
C CYS B 220 27.28 -1.49 15.70
N LYS B 221 27.93 -1.86 16.81
CA LYS B 221 28.90 -0.94 17.40
C LYS B 221 30.12 -0.78 16.51
N GLU B 222 30.58 -1.86 15.86
CA GLU B 222 31.74 -1.73 14.99
C GLU B 222 31.40 -0.97 13.72
N LEU B 223 30.15 -1.09 13.24
CA LEU B 223 29.77 -0.34 12.06
C LEU B 223 29.60 1.14 12.40
N ALA B 224 29.01 1.44 13.55
CA ALA B 224 28.76 2.83 13.93
C ALA B 224 30.05 3.61 14.15
N LYS B 225 31.18 2.95 14.32
CA LYS B 225 32.46 3.65 14.48
C LYS B 225 33.01 4.17 13.17
N GLN B 226 32.58 3.63 12.05
CA GLN B 226 33.11 4.03 10.75
C GLN B 226 32.79 5.50 10.45
N PRO B 227 33.73 6.24 9.87
CA PRO B 227 33.57 7.71 9.76
C PRO B 227 32.41 8.15 8.88
N ASP B 228 32.09 7.40 7.83
CA ASP B 228 31.07 7.83 6.88
C ASP B 228 29.75 7.09 7.01
N ILE B 229 29.59 6.28 8.05
CA ILE B 229 28.34 5.60 8.36
C ILE B 229 27.63 6.43 9.44
N ASP B 230 26.47 7.00 9.10
CA ASP B 230 25.74 7.88 10.01
C ASP B 230 24.57 7.19 10.69
N GLY B 231 24.49 5.88 10.63
CA GLY B 231 23.41 5.17 11.31
C GLY B 231 22.95 3.97 10.50
N PHE B 232 21.73 3.52 10.81
CA PHE B 232 21.25 2.24 10.29
C PHE B 232 19.78 2.30 9.89
N LEU B 233 19.44 1.52 8.88
CA LEU B 233 18.06 1.15 8.56
C LEU B 233 17.95 -0.34 8.89
N VAL B 234 17.12 -0.67 9.86
CA VAL B 234 17.11 -1.99 10.50
C VAL B 234 15.80 -2.69 10.16
N GLY B 235 15.92 -3.90 9.62
CA GLY B 235 14.74 -4.66 9.24
C GLY B 235 14.36 -5.67 10.30
N GLY B 236 14.81 -6.92 10.12
CA GLY B 236 14.43 -7.97 11.06
C GLY B 236 14.66 -7.60 12.51
N ALA B 237 15.82 -7.02 12.80
CA ALA B 237 16.13 -6.69 14.18
C ALA B 237 15.26 -5.57 14.74
N SER B 238 14.50 -4.82 13.91
CA SER B 238 13.64 -3.80 14.50
C SER B 238 12.35 -4.37 15.10
N LEU B 239 11.99 -5.61 14.79
CA LEU B 239 10.83 -6.21 15.44
C LEU B 239 11.15 -6.75 16.83
N LYS B 240 12.43 -6.77 17.21
CA LYS B 240 12.91 -7.25 18.51
C LYS B 240 13.28 -6.02 19.33
N ALA B 241 12.33 -5.51 20.11
CA ALA B 241 12.52 -4.25 20.81
C ALA B 241 13.83 -4.15 21.60
N PRO B 242 14.26 -5.16 22.36
CA PRO B 242 15.55 -5.01 23.06
C PRO B 242 16.74 -4.82 22.11
N GLU B 243 16.80 -5.57 21.02
CA GLU B 243 17.91 -5.41 20.10
C GLU B 243 17.85 -4.05 19.40
N PHE B 244 16.65 -3.60 19.03
CA PHE B 244 16.52 -2.27 18.43
C PHE B 244 16.96 -1.18 19.38
N VAL B 245 16.73 -1.37 20.69
CA VAL B 245 17.23 -0.45 21.71
C VAL B 245 18.75 -0.37 21.67
N ASP B 246 19.41 -1.53 21.61
CA ASP B 246 20.87 -1.55 21.57
C ASP B 246 21.41 -0.84 20.33
N ILE B 247 20.74 -1.04 19.18
CA ILE B 247 21.20 -0.40 17.96
C ILE B 247 21.05 1.12 18.05
N ILE B 248 19.93 1.58 18.63
CA ILE B 248 19.77 3.00 18.90
C ILE B 248 20.93 3.53 19.74
N ASN B 249 21.44 2.69 20.65
CA ASN B 249 22.54 3.04 21.55
C ASN B 249 23.91 2.57 21.05
N ALA B 250 24.05 2.33 19.74
CA ALA B 250 25.29 1.76 19.23
C ALA B 250 26.49 2.67 19.44
N ARG B 251 26.29 3.97 19.65
CA ARG B 251 27.40 4.88 19.87
C ARG B 251 27.66 5.13 21.35
N GLN B 252 26.88 4.52 22.23
CA GLN B 252 27.16 4.56 23.66
C GLN B 252 28.14 3.42 23.99
C1 PGH C . -14.31 1.82 -10.02
C2 PGH C . -15.32 2.65 -10.76
N2 PGH C . -14.78 0.93 -9.14
O2 PGH C . -13.90 0.21 -8.34
O1 PGH C . -13.12 1.97 -10.22
O1P PGH C . -14.84 4.01 -10.74
O2P PGH C . -15.18 6.43 -10.87
O3P PGH C . -17.15 4.86 -10.56
O4P PGH C . -15.94 4.95 -12.79
P PGH C . -15.83 5.16 -11.28
C1 PGH D . 16.13 -3.65 5.36
C2 PGH D . 17.16 -4.51 6.03
N2 PGH D . 16.11 -2.38 5.72
O2 PGH D . 15.29 -1.50 5.00
O1 PGH D . 15.37 -4.12 4.53
O1P PGH D . 16.49 -5.62 6.65
O2P PGH D . 17.83 -5.73 8.72
O3P PGH D . 16.35 -7.67 8.02
O4P PGH D . 18.45 -7.14 6.67
P PGH D . 17.36 -6.61 7.60
#